data_4GPG
#
_entry.id   4GPG
#
_cell.length_a   39.574
_cell.length_b   40.785
_cell.length_c   43.980
_cell.angle_alpha   64.82
_cell.angle_beta   66.10
_cell.angle_gamma   73.42
#
_symmetry.space_group_name_H-M   'P 1'
#
loop_
_entity.id
_entity.type
_entity.pdbx_description
1 polymer 'Protease 1'
2 water water
#
_entity_poly.entity_id   1
_entity_poly.type   'polypeptide(L)'
_entity_poly.pdbx_seq_one_letter_code
;GVSGSCNIDVVCPEGDGRRDIIRAVGAYSKSGTLACTGSLVNNTANDRKMYFLTAHHCGMGTASTAASIVVYWNYQNSTC
RAPNTPASGANGDGSMSQTQSGSTVKATYATSDFTLLELNNAANPAFNLFWAGWDRRDQNYPGAIAIHHPNVAEKRISNS
TSPTSFVAWGGGAGTTHLNVQWQPSGGVTEPGSSGSPIYSPEKRVLGQLHGGPSSCSATGTNRSDQYGRVFTSWTGGGAA
ASRLSDWLDPASTGAQFIDGLDSGGGTP
;
_entity_poly.pdbx_strand_id   A
#
# COMPACT_ATOMS: atom_id res chain seq x y z
N GLY A 1 7.12 4.26 -16.76
CA GLY A 1 5.81 3.68 -16.98
C GLY A 1 4.76 4.75 -17.24
N VAL A 2 3.53 4.31 -17.51
CA VAL A 2 2.43 5.21 -17.88
C VAL A 2 1.20 4.97 -16.99
N SER A 3 0.58 6.04 -16.48
CA SER A 3 -0.66 5.92 -15.76
C SER A 3 -1.48 7.17 -15.99
N GLY A 4 -2.67 7.22 -15.46
CA GLY A 4 -3.58 8.33 -15.76
C GLY A 4 -3.05 9.70 -15.40
N SER A 5 -3.40 10.71 -16.21
CA SER A 5 -2.92 12.06 -15.98
C SER A 5 -3.42 12.71 -14.67
N CYS A 6 -4.54 12.23 -14.08
CA CYS A 6 -5.05 12.83 -12.82
C CYS A 6 -4.19 12.49 -11.59
N ASN A 7 -3.35 11.48 -11.77
CA ASN A 7 -2.42 11.06 -10.74
C ASN A 7 -1.29 12.08 -10.45
N ILE A 8 -0.73 12.01 -9.24
CA ILE A 8 0.17 13.02 -8.69
C ILE A 8 1.51 12.39 -8.31
N ASP A 9 2.58 12.89 -8.91
CA ASP A 9 3.91 12.36 -8.60
C ASP A 9 4.20 12.62 -7.13
N VAL A 10 4.89 11.66 -6.51
CA VAL A 10 5.26 11.82 -5.12
C VAL A 10 6.22 12.99 -4.83
N VAL A 11 7.04 13.45 -5.80
CA VAL A 11 7.95 14.59 -5.55
C VAL A 11 7.21 15.93 -5.62
N CYS A 12 5.94 15.91 -6.02
CA CYS A 12 5.06 17.08 -5.95
C CYS A 12 4.78 17.53 -4.52
N PRO A 13 4.28 18.77 -4.37
CA PRO A 13 4.15 19.31 -3.00
C PRO A 13 3.16 18.51 -2.14
N GLU A 14 2.24 17.78 -2.79
CA GLU A 14 1.34 16.85 -2.09
C GLU A 14 2.08 15.82 -1.21
N GLY A 15 3.34 15.55 -1.55
CA GLY A 15 4.19 14.67 -0.79
C GLY A 15 4.87 15.30 0.43
N ASP A 16 4.78 16.62 0.55
CA ASP A 16 5.43 17.31 1.67
C ASP A 16 4.80 16.86 2.98
N GLY A 17 5.62 16.66 4.01
CA GLY A 17 5.12 16.05 5.23
C GLY A 17 4.94 14.53 5.21
N ARG A 18 5.17 13.88 4.07
CA ARG A 18 4.92 12.43 3.91
C ARG A 18 6.15 11.71 3.35
N ARG A 19 7.32 12.34 3.47
CA ARG A 19 8.50 11.87 2.73
C ARG A 19 9.12 10.65 3.39
N ASP A 20 8.62 10.35 4.59
CA ASP A 20 8.99 9.12 5.29
C ASP A 20 8.17 7.93 4.72
N ILE A 21 6.85 7.98 4.82
CA ILE A 21 5.99 6.89 4.29
C ILE A 21 6.09 6.68 2.79
N ILE A 22 6.45 7.72 2.03
CA ILE A 22 6.75 7.55 0.61
C ILE A 22 7.83 6.43 0.41
N ARG A 23 8.78 6.34 1.34
CA ARG A 23 9.90 5.41 1.21
C ARG A 23 9.59 3.98 1.71
N ALA A 24 8.34 3.76 2.10
CA ALA A 24 7.93 2.46 2.55
C ALA A 24 7.36 1.62 1.40
N VAL A 25 7.04 2.26 0.29
CA VAL A 25 6.24 1.64 -0.76
C VAL A 25 7.15 1.18 -1.89
N GLY A 26 6.85 -0.01 -2.40
CA GLY A 26 7.58 -0.60 -3.50
C GLY A 26 6.63 -1.23 -4.53
N ALA A 27 7.09 -1.32 -5.76
CA ALA A 27 6.40 -2.04 -6.80
C ALA A 27 7.05 -3.41 -6.89
N TYR A 28 6.32 -4.41 -7.39
CA TYR A 28 6.97 -5.68 -7.61
C TYR A 28 6.42 -6.47 -8.80
N SER A 29 7.22 -7.42 -9.22
CA SER A 29 6.87 -8.37 -10.27
C SER A 29 6.67 -9.74 -9.62
N LYS A 30 5.84 -10.53 -10.29
CA LYS A 30 5.49 -11.91 -9.91
C LYS A 30 5.87 -12.75 -11.15
N SER A 31 6.71 -13.75 -10.94
CA SER A 31 7.19 -14.59 -12.05
C SER A 31 7.72 -13.76 -13.24
N GLY A 32 8.40 -12.67 -12.92
CA GLY A 32 9.05 -11.83 -13.94
C GLY A 32 8.24 -10.64 -14.45
N THR A 33 6.93 -10.65 -14.23
CA THR A 33 6.05 -9.66 -14.85
C THR A 33 5.56 -8.65 -13.79
N LEU A 34 5.69 -7.37 -14.03
CA LEU A 34 5.15 -6.34 -13.10
C LEU A 34 3.69 -6.61 -12.74
N ALA A 35 3.39 -6.63 -11.43
CA ALA A 35 2.10 -7.12 -10.94
C ALA A 35 1.35 -6.15 -9.99
N CYS A 36 1.97 -5.79 -8.88
CA CYS A 36 1.24 -5.16 -7.79
C CYS A 36 2.17 -4.26 -7.00
N THR A 37 1.58 -3.64 -5.98
CA THR A 37 2.28 -2.80 -5.06
C THR A 37 2.26 -3.41 -3.68
N GLY A 38 3.30 -3.14 -2.89
CA GLY A 38 3.34 -3.49 -1.48
C GLY A 38 4.07 -2.43 -0.67
N SER A 39 4.13 -2.61 0.67
CA SER A 39 4.78 -1.64 1.53
C SER A 39 5.31 -2.25 2.81
N LEU A 40 6.41 -1.65 3.30
CA LEU A 40 6.99 -2.05 4.60
C LEU A 40 6.23 -1.56 5.81
N VAL A 41 6.09 -2.46 6.77
CA VAL A 41 5.44 -2.14 8.02
C VAL A 41 6.32 -2.46 9.20
N ASN A 42 6.21 -1.58 10.18
CA ASN A 42 6.97 -1.70 11.41
C ASN A 42 6.24 -2.71 12.32
N ASN A 43 6.93 -3.22 13.32
CA ASN A 43 6.33 -4.10 14.32
C ASN A 43 6.81 -3.65 15.72
N THR A 44 6.22 -4.20 16.77
CA THR A 44 6.49 -3.67 18.10
C THR A 44 7.91 -3.91 18.66
N ALA A 45 8.64 -4.83 18.05
CA ALA A 45 10.04 -5.08 18.43
C ALA A 45 11.00 -4.03 17.76
N ASN A 46 10.47 -3.26 16.81
CA ASN A 46 11.27 -2.18 16.18
C ASN A 46 12.63 -2.66 15.64
N ASP A 47 12.59 -3.78 14.94
CA ASP A 47 13.79 -4.57 14.62
C ASP A 47 14.16 -4.55 13.12
N ARG A 48 13.47 -3.72 12.32
CA ARG A 48 13.66 -3.62 10.85
C ARG A 48 13.42 -4.92 10.08
N LYS A 49 12.62 -5.84 10.62
CA LYS A 49 12.21 -7.03 9.90
C LYS A 49 11.52 -6.61 8.58
N MET A 50 11.81 -7.31 7.49
CA MET A 50 11.36 -6.88 6.17
C MET A 50 9.93 -7.37 5.85
N TYR A 51 9.00 -6.99 6.73
CA TYR A 51 7.60 -7.34 6.59
C TYR A 51 7.00 -6.40 5.55
N PHE A 52 6.43 -7.01 4.53
CA PHE A 52 6.00 -6.36 3.30
C PHE A 52 4.54 -6.76 3.10
N LEU A 53 3.64 -5.82 3.37
CA LEU A 53 2.23 -6.04 3.23
C LEU A 53 1.76 -5.78 1.80
N THR A 54 0.99 -6.72 1.27
CA THR A 54 0.34 -6.56 -0.01
C THR A 54 -1.06 -7.24 -0.01
N ALA A 55 -1.70 -7.34 -1.18
CA ALA A 55 -3.04 -7.92 -1.28
C ALA A 55 -2.98 -9.37 -1.70
N HIS A 56 -3.84 -10.13 -1.05
CA HIS A 56 -4.03 -11.54 -1.34
C HIS A 56 -4.33 -11.86 -2.79
N HIS A 57 -5.15 -11.03 -3.42
CA HIS A 57 -5.59 -11.31 -4.79
C HIS A 57 -4.46 -11.14 -5.81
N CYS A 58 -3.32 -10.59 -5.38
CA CYS A 58 -2.14 -10.54 -6.25
C CYS A 58 -1.42 -11.92 -6.36
N GLY A 59 -1.74 -12.86 -5.47
CA GLY A 59 -1.32 -14.26 -5.65
C GLY A 59 0.05 -14.61 -5.11
N MET A 60 0.55 -13.81 -4.15
CA MET A 60 1.89 -14.02 -3.59
C MET A 60 1.86 -14.86 -2.31
N GLY A 61 0.69 -15.24 -1.88
CA GLY A 61 0.60 -16.00 -0.65
C GLY A 61 0.79 -17.51 -0.76
N THR A 62 1.68 -17.94 -1.66
CA THR A 62 2.16 -19.32 -1.72
C THR A 62 3.67 -19.32 -1.68
N ALA A 63 4.30 -20.40 -1.18
CA ALA A 63 5.76 -20.40 -1.04
C ALA A 63 6.45 -20.14 -2.39
N SER A 64 5.89 -20.77 -3.42
CA SER A 64 6.43 -20.72 -4.78
C SER A 64 6.36 -19.34 -5.41
N THR A 65 5.22 -18.67 -5.28
CA THR A 65 5.10 -17.33 -5.90
C THR A 65 5.83 -16.26 -5.10
N ALA A 66 5.83 -16.39 -3.77
CA ALA A 66 6.62 -15.50 -2.93
C ALA A 66 8.13 -15.55 -3.27
N ALA A 67 8.67 -16.74 -3.61
CA ALA A 67 10.06 -16.90 -3.93
C ALA A 67 10.43 -16.11 -5.20
N SER A 68 9.44 -15.91 -6.07
CA SER A 68 9.64 -15.28 -7.37
C SER A 68 9.68 -13.71 -7.34
N ILE A 69 9.29 -13.13 -6.20
CA ILE A 69 9.14 -11.66 -6.12
C ILE A 69 10.42 -10.91 -6.48
N VAL A 70 10.28 -9.86 -7.28
CA VAL A 70 11.34 -8.88 -7.35
C VAL A 70 10.69 -7.56 -6.98
N VAL A 71 11.27 -6.89 -5.98
CA VAL A 71 10.77 -5.58 -5.50
C VAL A 71 11.67 -4.43 -6.03
N TYR A 72 11.03 -3.36 -6.52
CA TYR A 72 11.68 -2.19 -7.11
C TYR A 72 11.40 -0.99 -6.21
N TRP A 73 12.44 -0.47 -5.60
CA TRP A 73 12.34 0.60 -4.64
C TRP A 73 12.65 1.93 -5.30
N ASN A 74 12.07 3.00 -4.75
CA ASN A 74 12.37 4.35 -5.22
C ASN A 74 12.16 4.59 -6.73
N TYR A 75 11.07 4.00 -7.21
CA TYR A 75 10.68 4.06 -8.62
C TYR A 75 9.59 5.14 -8.77
N GLN A 76 10.06 6.31 -9.13
CA GLN A 76 9.24 7.53 -9.16
C GLN A 76 9.82 8.53 -10.17
N ASN A 77 8.96 9.39 -10.69
CA ASN A 77 9.41 10.41 -11.65
C ASN A 77 10.35 11.41 -10.95
N SER A 78 11.41 11.82 -11.64
CA SER A 78 12.43 12.69 -11.06
C SER A 78 11.91 14.12 -10.75
N THR A 79 10.88 14.56 -11.50
CA THR A 79 10.32 15.91 -11.39
C THR A 79 8.77 15.85 -11.21
N CYS A 80 8.18 16.85 -10.60
CA CYS A 80 6.74 16.91 -10.50
C CYS A 80 6.06 17.22 -11.83
N ARG A 81 5.28 16.27 -12.36
CA ARG A 81 4.51 16.58 -13.56
C ARG A 81 3.16 17.15 -13.12
N ALA A 82 2.71 18.26 -13.70
CA ALA A 82 1.49 18.87 -13.16
C ALA A 82 0.31 17.91 -13.37
N PRO A 83 -0.40 17.58 -12.27
CA PRO A 83 -1.60 16.72 -12.36
C PRO A 83 -2.68 17.24 -13.32
N ASN A 84 -3.30 16.30 -14.04
CA ASN A 84 -4.33 16.59 -15.04
C ASN A 84 -3.84 17.33 -16.30
N THR A 85 -2.56 17.15 -16.61
CA THR A 85 -1.96 17.67 -17.84
C THR A 85 -1.37 16.48 -18.57
N PRO A 86 -1.15 16.58 -19.89
CA PRO A 86 -0.75 15.36 -20.57
C PRO A 86 0.63 14.93 -20.13
N ALA A 87 1.40 15.83 -19.49
CA ALA A 87 2.73 15.48 -18.98
C ALA A 87 2.64 14.35 -17.94
N SER A 88 1.64 14.45 -17.08
CA SER A 88 1.44 13.48 -16.03
C SER A 88 1.03 12.08 -16.64
N GLY A 89 0.37 12.09 -17.80
CA GLY A 89 -0.08 10.85 -18.43
C GLY A 89 0.90 10.27 -19.45
N ALA A 90 2.06 10.90 -19.55
CA ALA A 90 3.11 10.43 -20.42
C ALA A 90 4.05 9.46 -19.71
N ASN A 91 4.80 8.68 -20.47
CA ASN A 91 5.88 7.86 -19.92
C ASN A 91 6.83 8.67 -19.03
N GLY A 92 7.02 8.16 -17.83
CA GLY A 92 7.89 8.78 -16.85
C GLY A 92 9.33 8.37 -16.97
N ASP A 93 10.11 8.94 -16.07
CA ASP A 93 11.56 8.73 -16.10
C ASP A 93 12.14 8.01 -14.90
N GLY A 94 11.30 7.21 -14.24
CA GLY A 94 11.70 6.48 -13.06
C GLY A 94 12.77 5.44 -13.37
N SER A 95 13.67 5.29 -12.41
CA SER A 95 14.65 4.19 -12.44
C SER A 95 14.12 2.94 -11.72
N MET A 96 14.49 1.77 -12.23
CA MET A 96 14.07 0.50 -11.65
C MET A 96 15.31 -0.36 -11.31
N SER A 97 16.42 0.27 -10.95
CA SER A 97 17.67 -0.47 -10.65
C SER A 97 17.87 -0.81 -9.16
N GLN A 98 17.07 -0.22 -8.27
CA GLN A 98 17.14 -0.51 -6.85
C GLN A 98 16.16 -1.63 -6.51
N THR A 99 16.69 -2.84 -6.53
CA THR A 99 15.88 -4.05 -6.46
C THR A 99 16.41 -5.02 -5.42
N GLN A 100 15.50 -5.93 -5.02
CA GLN A 100 15.84 -7.11 -4.22
C GLN A 100 14.87 -8.23 -4.55
N SER A 101 15.37 -9.47 -4.54
CA SER A 101 14.60 -10.64 -4.95
C SER A 101 14.32 -11.59 -3.82
N GLY A 102 13.16 -12.21 -3.88
CA GLY A 102 12.86 -13.29 -2.96
C GLY A 102 12.20 -12.93 -1.65
N SER A 103 11.23 -13.73 -1.28
CA SER A 103 10.53 -13.56 -0.02
C SER A 103 9.94 -14.88 0.45
N THR A 104 9.50 -14.91 1.70
CA THR A 104 8.65 -16.00 2.19
C THR A 104 7.30 -15.46 2.65
N VAL A 105 6.29 -16.33 2.68
CA VAL A 105 4.98 -15.95 3.22
C VAL A 105 4.85 -16.19 4.72
N LYS A 106 4.41 -15.14 5.41
CA LYS A 106 4.17 -15.21 6.83
C LYS A 106 2.69 -15.49 7.06
N ALA A 107 1.83 -14.75 6.37
CA ALA A 107 0.39 -14.99 6.48
C ALA A 107 -0.33 -14.52 5.22
N THR A 108 -1.48 -15.12 4.97
CA THR A 108 -2.37 -14.69 3.89
C THR A 108 -3.84 -15.00 4.22
N TYR A 109 -4.77 -14.18 3.72
CA TYR A 109 -6.15 -14.32 4.12
C TYR A 109 -7.07 -13.64 3.11
N ALA A 110 -8.04 -14.37 2.58
CA ALA A 110 -8.86 -13.89 1.47
C ALA A 110 -9.88 -12.84 1.88
N THR A 111 -10.50 -12.98 3.04
CA THR A 111 -11.62 -12.08 3.39
C THR A 111 -11.30 -10.58 3.54
N SER A 112 -10.19 -10.26 4.21
CA SER A 112 -9.73 -8.89 4.29
C SER A 112 -8.60 -8.67 3.27
N ASP A 113 -8.33 -9.72 2.46
CA ASP A 113 -7.51 -9.63 1.25
C ASP A 113 -6.06 -9.21 1.49
N PHE A 114 -5.41 -9.75 2.53
CA PHE A 114 -4.06 -9.34 2.87
C PHE A 114 -3.06 -10.49 2.73
N THR A 115 -1.84 -10.17 2.31
CA THR A 115 -0.70 -11.08 2.39
C THR A 115 0.43 -10.35 3.09
N LEU A 116 0.99 -10.96 4.13
CA LEU A 116 2.23 -10.41 4.71
C LEU A 116 3.38 -11.27 4.24
N LEU A 117 4.31 -10.68 3.50
CA LEU A 117 5.52 -11.36 3.12
C LEU A 117 6.67 -10.91 4.04
N GLU A 118 7.72 -11.71 4.11
CA GLU A 118 8.98 -11.27 4.68
C GLU A 118 10.00 -11.37 3.57
N LEU A 119 10.58 -10.25 3.20
CA LEU A 119 11.63 -10.24 2.17
C LEU A 119 12.94 -10.93 2.67
N ASN A 120 13.56 -11.72 1.79
CA ASN A 120 14.76 -12.49 2.16
C ASN A 120 15.94 -11.63 2.57
N ASN A 121 16.12 -10.48 1.91
CA ASN A 121 17.33 -9.63 2.15
C ASN A 121 17.01 -8.52 3.17
N ALA A 122 17.88 -8.31 4.17
CA ALA A 122 17.79 -7.16 5.07
C ALA A 122 17.86 -5.86 4.27
N ALA A 123 17.43 -4.77 4.89
CA ALA A 123 17.41 -3.46 4.21
C ALA A 123 18.83 -3.02 3.74
N ASN A 124 18.98 -2.68 2.47
CA ASN A 124 20.22 -2.05 1.98
C ASN A 124 20.22 -0.59 2.38
N PRO A 125 21.26 -0.14 3.12
CA PRO A 125 21.22 1.29 3.55
C PRO A 125 21.07 2.29 2.40
N ALA A 126 21.54 1.89 1.22
CA ALA A 126 21.48 2.73 0.05
C ALA A 126 20.05 2.94 -0.45
N PHE A 127 19.11 2.11 -0.02
CA PHE A 127 17.74 2.27 -0.49
C PHE A 127 16.92 3.23 0.42
N ASN A 128 17.50 3.62 1.56
CA ASN A 128 16.86 4.57 2.49
C ASN A 128 15.38 4.25 2.72
N LEU A 129 15.13 3.04 3.20
CA LEU A 129 13.76 2.51 3.42
C LEU A 129 13.16 3.04 4.72
N PHE A 130 11.84 2.97 4.80
CA PHE A 130 11.07 3.34 5.95
C PHE A 130 10.06 2.19 6.22
N TRP A 131 9.85 1.89 7.51
CA TRP A 131 8.89 0.88 7.98
C TRP A 131 7.75 1.66 8.65
N ALA A 132 6.57 1.67 8.03
CA ALA A 132 5.51 2.55 8.46
C ALA A 132 4.79 1.94 9.67
N GLY A 133 4.22 2.81 10.49
CA GLY A 133 3.38 2.40 11.60
C GLY A 133 2.05 1.91 11.06
N TRP A 134 1.22 1.43 11.97
CA TRP A 134 -0.12 0.92 11.68
C TRP A 134 -1.05 1.29 12.81
N ASP A 135 -2.35 1.23 12.50
CA ASP A 135 -3.40 1.51 13.45
C ASP A 135 -4.57 0.52 13.22
N ARG A 136 -4.82 -0.28 14.25
CA ARG A 136 -5.77 -1.44 14.20
C ARG A 136 -7.05 -1.14 14.97
N ARG A 137 -7.22 0.11 15.41
CA ARG A 137 -8.44 0.50 16.13
C ARG A 137 -9.64 0.50 15.21
N ASP A 138 -10.75 0.08 15.78
CA ASP A 138 -12.02 -0.06 15.07
C ASP A 138 -12.68 1.32 14.87
N GLN A 139 -12.20 2.12 13.94
CA GLN A 139 -12.82 3.43 13.76
C GLN A 139 -12.62 3.91 12.36
N ASN A 140 -13.30 5.01 12.04
CA ASN A 140 -13.11 5.73 10.78
C ASN A 140 -12.25 7.02 10.98
N TYR A 141 -11.89 7.62 9.85
CA TYR A 141 -10.90 8.69 9.78
C TYR A 141 -11.44 9.83 8.87
N PRO A 142 -11.02 11.07 9.10
CA PRO A 142 -11.61 12.20 8.36
C PRO A 142 -11.00 12.37 6.96
N GLY A 143 -10.05 11.52 6.61
CA GLY A 143 -9.39 11.59 5.34
C GLY A 143 -8.40 10.45 5.32
N ALA A 144 -7.61 10.39 4.26
CA ALA A 144 -6.64 9.30 4.13
C ALA A 144 -5.64 9.58 2.99
N ILE A 145 -4.49 8.92 3.05
CA ILE A 145 -3.40 9.12 2.08
C ILE A 145 -3.05 7.74 1.46
N ALA A 146 -3.09 7.64 0.12
CA ALA A 146 -2.67 6.45 -0.64
C ALA A 146 -1.37 6.75 -1.33
N ILE A 147 -0.41 5.83 -1.21
CA ILE A 147 0.83 5.95 -1.92
C ILE A 147 0.96 4.61 -2.65
N HIS A 148 1.23 4.68 -3.96
CA HIS A 148 0.96 3.52 -4.80
C HIS A 148 1.59 3.60 -6.15
N HIS A 149 1.59 2.45 -6.87
CA HIS A 149 2.21 2.33 -8.20
C HIS A 149 1.13 1.96 -9.23
N PRO A 150 0.36 2.96 -9.69
CA PRO A 150 -0.72 2.66 -10.64
C PRO A 150 -0.17 2.19 -11.98
N ASN A 151 -0.76 1.12 -12.50
CA ASN A 151 -0.23 0.39 -13.66
C ASN A 151 1.22 -0.06 -13.47
N VAL A 152 1.54 -0.30 -12.19
CA VAL A 152 2.91 -0.58 -11.73
C VAL A 152 3.92 0.37 -12.40
N ALA A 153 3.50 1.64 -12.52
CA ALA A 153 4.38 2.70 -13.03
C ALA A 153 4.94 3.56 -11.87
N GLU A 154 5.49 4.73 -12.21
CA GLU A 154 6.11 5.57 -11.21
C GLU A 154 5.18 5.85 -10.02
N LYS A 155 5.78 5.88 -8.84
CA LYS A 155 5.06 6.06 -7.58
C LYS A 155 4.21 7.34 -7.56
N ARG A 156 2.98 7.20 -7.06
CA ARG A 156 2.04 8.32 -6.98
C ARG A 156 1.48 8.44 -5.56
N ILE A 157 0.87 9.60 -5.30
CA ILE A 157 0.16 9.84 -4.05
C ILE A 157 -1.23 10.30 -4.41
N SER A 158 -2.23 9.78 -3.68
CA SER A 158 -3.60 10.20 -3.82
C SER A 158 -4.21 10.52 -2.45
N ASN A 159 -4.82 11.71 -2.37
CA ASN A 159 -5.39 12.21 -1.11
C ASN A 159 -6.90 12.04 -1.06
N SER A 160 -7.41 11.71 0.12
CA SER A 160 -8.85 11.74 0.41
C SER A 160 -9.09 12.73 1.57
N THR A 161 -10.05 13.64 1.38
CA THR A 161 -10.38 14.66 2.39
C THR A 161 -11.84 14.49 2.73
N SER A 162 -12.32 13.26 2.57
CA SER A 162 -13.68 12.89 3.01
C SER A 162 -13.55 11.76 4.04
N PRO A 163 -14.54 11.66 4.95
CA PRO A 163 -14.53 10.60 5.97
C PRO A 163 -14.52 9.20 5.31
N THR A 164 -13.83 8.23 5.91
CA THR A 164 -13.84 6.87 5.42
C THR A 164 -15.14 6.22 5.94
N SER A 165 -15.52 5.08 5.39
CA SER A 165 -16.66 4.34 5.92
C SER A 165 -16.34 2.84 5.75
N PHE A 166 -17.00 2.02 6.55
CA PHE A 166 -16.88 0.57 6.51
C PHE A 166 -17.82 -0.04 5.48
N VAL A 167 -17.32 -1.00 4.74
CA VAL A 167 -18.09 -1.74 3.78
C VAL A 167 -17.53 -3.17 3.66
N ALA A 168 -18.33 -4.03 3.06
CA ALA A 168 -17.87 -5.35 2.66
C ALA A 168 -17.35 -5.13 1.29
N TRP A 169 -16.51 -6.05 0.83
CA TRP A 169 -15.99 -5.95 -0.52
C TRP A 169 -17.20 -6.01 -1.48
N GLY A 170 -17.27 -5.04 -2.41
CA GLY A 170 -18.41 -4.89 -3.30
C GLY A 170 -19.29 -3.72 -2.95
N GLY A 171 -19.18 -3.25 -1.70
CA GLY A 171 -19.88 -2.06 -1.29
C GLY A 171 -21.11 -2.27 -0.43
N GLY A 172 -21.54 -3.53 -0.22
CA GLY A 172 -22.64 -3.85 0.69
C GLY A 172 -22.30 -3.60 2.15
N ALA A 173 -23.27 -3.76 3.04
CA ALA A 173 -23.04 -3.53 4.44
C ALA A 173 -22.11 -4.62 4.93
N GLY A 174 -21.09 -4.21 5.67
CA GLY A 174 -20.04 -5.10 6.11
C GLY A 174 -18.99 -4.24 6.78
N THR A 175 -17.94 -4.86 7.29
CA THR A 175 -16.95 -4.14 8.06
C THR A 175 -15.53 -4.58 7.76
N THR A 176 -15.36 -5.39 6.72
CA THR A 176 -14.07 -5.95 6.39
C THR A 176 -13.19 -4.96 5.62
N HIS A 177 -13.84 -3.96 4.99
CA HIS A 177 -13.20 -2.99 4.10
C HIS A 177 -13.48 -1.51 4.52
N LEU A 178 -12.50 -0.66 4.21
CA LEU A 178 -12.66 0.78 4.28
C LEU A 178 -12.92 1.28 2.86
N ASN A 179 -13.99 2.08 2.75
CA ASN A 179 -14.30 2.76 1.54
C ASN A 179 -13.72 4.19 1.59
N VAL A 180 -12.92 4.51 0.58
CA VAL A 180 -12.25 5.80 0.48
C VAL A 180 -12.74 6.56 -0.77
N GLN A 181 -13.20 7.80 -0.57
CA GLN A 181 -13.65 8.69 -1.65
C GLN A 181 -12.51 9.63 -2.06
N TRP A 182 -12.12 9.56 -3.33
CA TRP A 182 -11.09 10.43 -3.89
C TRP A 182 -11.68 11.82 -4.15
N GLN A 183 -10.79 12.79 -4.30
CA GLN A 183 -11.18 14.16 -4.60
C GLN A 183 -11.66 14.16 -6.02
N PRO A 184 -12.54 15.13 -6.38
CA PRO A 184 -13.18 15.10 -7.70
C PRO A 184 -12.22 15.34 -8.87
N SER A 185 -11.10 16.03 -8.67
CA SER A 185 -10.08 16.08 -9.73
C SER A 185 -8.72 15.57 -9.26
N GLY A 186 -8.69 14.79 -8.18
CA GLY A 186 -7.43 14.35 -7.64
C GLY A 186 -7.01 12.99 -8.19
N GLY A 187 -5.92 12.46 -7.64
CA GLY A 187 -5.48 11.12 -8.00
C GLY A 187 -6.45 10.06 -7.53
N VAL A 188 -6.34 8.88 -8.14
CA VAL A 188 -7.18 7.77 -7.86
C VAL A 188 -6.21 6.58 -7.71
N THR A 189 -6.68 5.36 -7.95
CA THR A 189 -5.78 4.20 -8.10
C THR A 189 -6.14 3.48 -9.41
N GLU A 190 -5.29 2.55 -9.80
CA GLU A 190 -5.45 1.91 -11.13
C GLU A 190 -4.94 0.50 -11.03
N PRO A 191 -5.28 -0.37 -12.00
CA PRO A 191 -4.74 -1.73 -11.91
C PRO A 191 -3.25 -1.72 -11.62
N GLY A 192 -2.79 -2.58 -10.70
CA GLY A 192 -1.39 -2.59 -10.30
C GLY A 192 -1.14 -1.82 -9.03
N SER A 193 -1.98 -0.84 -8.74
CA SER A 193 -1.98 -0.27 -7.40
C SER A 193 -2.43 -1.25 -6.31
N SER A 194 -3.07 -2.33 -6.72
CA SER A 194 -3.50 -3.42 -5.80
C SER A 194 -2.42 -3.70 -4.72
N GLY A 195 -2.84 -3.87 -3.45
CA GLY A 195 -1.91 -4.15 -2.37
C GLY A 195 -1.24 -2.93 -1.76
N SER A 196 -1.46 -1.75 -2.36
CA SER A 196 -0.89 -0.49 -1.89
C SER A 196 -1.54 -0.06 -0.58
N PRO A 197 -0.77 0.59 0.29
CA PRO A 197 -1.33 0.96 1.58
C PRO A 197 -2.27 2.15 1.52
N ILE A 198 -3.18 2.21 2.48
CA ILE A 198 -3.88 3.47 2.81
C ILE A 198 -3.43 3.84 4.20
N TYR A 199 -3.15 5.13 4.39
CA TYR A 199 -2.64 5.65 5.66
C TYR A 199 -3.66 6.58 6.27
N SER A 200 -3.77 6.56 7.60
CA SER A 200 -4.49 7.62 8.32
C SER A 200 -3.78 8.95 8.14
N PRO A 201 -4.45 10.08 8.51
CA PRO A 201 -3.77 11.38 8.49
C PRO A 201 -2.49 11.42 9.33
N GLU A 202 -2.41 10.56 10.34
CA GLU A 202 -1.20 10.44 11.19
C GLU A 202 -0.16 9.47 10.62
N LYS A 203 -0.39 9.00 9.38
CA LYS A 203 0.60 8.27 8.59
C LYS A 203 0.81 6.82 9.05
N ARG A 204 -0.28 6.20 9.52
CA ARG A 204 -0.31 4.82 9.97
C ARG A 204 -1.18 3.98 9.03
N VAL A 205 -0.64 2.84 8.62
CA VAL A 205 -1.37 1.94 7.73
C VAL A 205 -2.68 1.44 8.28
N LEU A 206 -3.75 1.57 7.51
CA LEU A 206 -5.08 1.11 7.93
C LEU A 206 -5.59 -0.10 7.17
N GLY A 207 -4.98 -0.38 6.03
CA GLY A 207 -5.45 -1.38 5.08
C GLY A 207 -4.60 -1.37 3.84
N GLN A 208 -4.93 -2.24 2.89
CA GLN A 208 -4.23 -2.30 1.61
C GLN A 208 -5.29 -2.43 0.52
N LEU A 209 -4.98 -1.92 -0.67
CA LEU A 209 -5.96 -1.75 -1.75
C LEU A 209 -6.49 -3.07 -2.31
N HIS A 210 -7.82 -3.26 -2.22
CA HIS A 210 -8.47 -4.41 -2.87
C HIS A 210 -8.81 -4.01 -4.32
N GLY A 211 -9.53 -2.91 -4.46
CA GLY A 211 -9.91 -2.40 -5.77
C GLY A 211 -11.17 -1.57 -5.64
N GLY A 212 -11.82 -1.26 -6.76
CA GLY A 212 -13.05 -0.47 -6.72
C GLY A 212 -13.24 0.18 -8.08
N PRO A 213 -14.24 1.08 -8.21
CA PRO A 213 -14.66 1.66 -9.50
C PRO A 213 -13.86 2.87 -9.98
N SER A 214 -12.86 3.35 -9.23
CA SER A 214 -12.18 4.60 -9.60
C SER A 214 -11.39 4.55 -10.91
N SER A 215 -11.35 5.71 -11.54
CA SER A 215 -10.46 6.00 -12.65
C SER A 215 -10.38 7.49 -12.70
N CYS A 216 -9.51 8.01 -13.57
CA CYS A 216 -9.39 9.45 -13.68
C CYS A 216 -10.67 10.06 -14.26
N SER A 217 -11.46 9.30 -15.00
CA SER A 217 -12.72 9.86 -15.51
C SER A 217 -13.97 9.53 -14.66
N ALA A 218 -13.79 8.83 -13.52
CA ALA A 218 -14.94 8.51 -12.66
C ALA A 218 -15.53 9.75 -11.96
N THR A 219 -16.85 9.76 -11.85
CA THR A 219 -17.59 10.84 -11.15
C THR A 219 -18.34 10.32 -9.95
N GLY A 220 -18.60 11.24 -9.02
CA GLY A 220 -19.44 10.95 -7.89
C GLY A 220 -18.83 9.83 -7.07
N THR A 221 -19.68 8.98 -6.55
CA THR A 221 -19.25 7.93 -5.64
C THR A 221 -18.52 6.78 -6.33
N ASN A 222 -18.50 6.75 -7.67
CA ASN A 222 -17.66 5.77 -8.37
C ASN A 222 -16.18 6.16 -8.33
N ARG A 223 -15.89 7.39 -7.93
CA ARG A 223 -14.48 7.83 -7.74
C ARG A 223 -13.96 7.44 -6.35
N SER A 224 -13.88 6.13 -6.16
CA SER A 224 -13.61 5.57 -4.87
C SER A 224 -12.99 4.19 -4.99
N ASP A 225 -12.45 3.74 -3.86
CA ASP A 225 -11.81 2.42 -3.78
C ASP A 225 -11.99 1.79 -2.43
N GLN A 226 -11.78 0.48 -2.36
CA GLN A 226 -11.96 -0.26 -1.13
C GLN A 226 -10.69 -1.00 -0.69
N TYR A 227 -10.44 -0.88 0.61
CA TYR A 227 -9.20 -1.34 1.23
C TYR A 227 -9.47 -2.39 2.33
N GLY A 228 -8.86 -3.57 2.24
CA GLY A 228 -9.02 -4.56 3.28
C GLY A 228 -8.45 -4.05 4.61
N ARG A 229 -9.23 -4.09 5.70
CA ARG A 229 -8.78 -3.47 6.96
C ARG A 229 -7.79 -4.23 7.80
N VAL A 230 -6.78 -3.51 8.31
CA VAL A 230 -5.83 -4.05 9.33
C VAL A 230 -6.56 -4.57 10.57
N PHE A 231 -7.59 -3.83 10.98
CA PHE A 231 -8.50 -4.32 12.05
C PHE A 231 -8.99 -5.75 11.81
N THR A 232 -9.59 -6.01 10.64
CA THR A 232 -10.03 -7.32 10.25
C THR A 232 -8.86 -8.32 10.13
N SER A 233 -7.81 -7.95 9.45
CA SER A 233 -6.61 -8.77 9.28
C SER A 233 -5.87 -9.14 10.56
N TRP A 234 -5.97 -8.31 11.59
CA TRP A 234 -5.30 -8.50 12.88
C TRP A 234 -5.67 -9.86 13.49
N THR A 235 -6.96 -10.15 13.52
CA THR A 235 -7.42 -11.46 13.90
C THR A 235 -7.51 -12.45 12.71
N GLY A 236 -7.79 -11.92 11.51
CA GLY A 236 -7.80 -12.68 10.27
C GLY A 236 -8.61 -13.97 10.36
N GLY A 237 -7.96 -15.06 9.95
CA GLY A 237 -8.62 -16.33 9.82
C GLY A 237 -8.41 -17.27 10.99
N GLY A 238 -7.93 -16.73 12.10
CA GLY A 238 -7.91 -17.43 13.36
C GLY A 238 -6.66 -18.21 13.69
N ALA A 239 -5.58 -18.02 12.96
CA ALA A 239 -4.31 -18.66 13.31
C ALA A 239 -3.18 -17.82 12.70
N ALA A 240 -1.93 -18.03 13.10
CA ALA A 240 -0.81 -17.18 12.65
C ALA A 240 -0.67 -17.08 11.16
N ALA A 241 -0.88 -18.18 10.44
CA ALA A 241 -0.75 -18.18 8.97
C ALA A 241 -1.83 -17.38 8.19
N SER A 242 -2.72 -16.74 8.90
CA SER A 242 -3.83 -16.05 8.26
C SER A 242 -4.23 -14.80 9.06
N ARG A 243 -3.25 -14.19 9.73
CA ARG A 243 -3.50 -12.98 10.51
C ARG A 243 -2.24 -12.19 10.72
N LEU A 244 -2.42 -10.93 11.09
CA LEU A 244 -1.25 -10.05 11.33
C LEU A 244 -0.67 -10.04 12.74
N SER A 245 -1.47 -10.36 13.77
CA SER A 245 -1.10 -10.03 15.12
C SER A 245 0.21 -10.66 15.58
N ASP A 246 0.42 -11.92 15.24
CA ASP A 246 1.64 -12.62 15.72
C ASP A 246 2.92 -11.96 15.23
N TRP A 247 2.84 -11.38 14.03
CA TRP A 247 4.02 -10.85 13.31
C TRP A 247 4.28 -9.40 13.71
N LEU A 248 3.20 -8.63 13.86
CA LEU A 248 3.33 -7.18 14.02
C LEU A 248 3.44 -6.78 15.47
N ASP A 249 2.82 -7.57 16.38
CA ASP A 249 3.05 -7.42 17.84
C ASP A 249 3.69 -8.68 18.44
N PRO A 250 4.96 -8.98 18.07
CA PRO A 250 5.56 -10.20 18.61
C PRO A 250 5.89 -10.08 20.10
N ALA A 251 6.21 -8.87 20.53
CA ALA A 251 6.49 -8.61 21.93
C ALA A 251 5.22 -8.65 22.84
N SER A 252 4.05 -8.95 22.28
CA SER A 252 2.78 -8.97 23.01
C SER A 252 2.57 -7.71 23.86
N THR A 253 2.98 -6.55 23.34
CA THR A 253 2.85 -5.30 24.07
C THR A 253 1.37 -4.89 24.22
N GLY A 254 0.51 -5.39 23.35
CA GLY A 254 -0.88 -4.97 23.34
C GLY A 254 -1.18 -3.66 22.65
N ALA A 255 -0.21 -3.14 21.92
CA ALA A 255 -0.35 -1.86 21.21
C ALA A 255 -1.53 -1.82 20.20
N GLN A 256 -2.29 -0.73 20.24
CA GLN A 256 -3.42 -0.48 19.31
C GLN A 256 -2.93 0.24 18.05
N PHE A 257 -1.82 0.94 18.19
CA PHE A 257 -1.22 1.66 17.09
C PHE A 257 0.23 1.93 17.44
N ILE A 258 1.05 2.01 16.41
CA ILE A 258 2.46 2.34 16.55
C ILE A 258 2.85 3.27 15.42
N ASP A 259 3.98 3.96 15.63
CA ASP A 259 4.57 4.81 14.60
C ASP A 259 5.66 4.06 13.84
N GLY A 260 6.21 4.76 12.85
CA GLY A 260 7.15 4.16 11.93
C GLY A 260 8.57 4.15 12.50
N LEU A 261 9.43 3.51 11.72
CA LEU A 261 10.85 3.39 12.01
C LEU A 261 11.66 3.72 10.74
N ASP A 262 12.63 4.62 10.86
CA ASP A 262 13.49 5.00 9.74
C ASP A 262 14.73 4.06 9.64
N SER A 263 15.38 4.07 8.48
CA SER A 263 16.56 3.22 8.27
C SER A 263 17.80 3.92 8.81
#